data_4ESH
#
_entry.id   4ESH
#
_cell.length_a   55.352
_cell.length_b   55.352
_cell.length_c   114.767
_cell.angle_alpha   90.00
_cell.angle_beta   90.00
_cell.angle_gamma   120.00
#
_symmetry.space_group_name_H-M   'P 32 2 1'
#
loop_
_entity.id
_entity.type
_entity.pdbx_description
1 polymer 'Thymidylate kinase'
2 non-polymer THYMIDINE
3 water water
#
_entity_poly.entity_id   1
_entity_poly.type   'polypeptide(L)'
_entity_poly.pdbx_seq_one_letter_code
;SNAMTGLFVTLEGPEGAGKSTNRDYLAERLRERGIEVQLTREPGGTPLAERIRELLLAPSDEPMAADTELLLMFAARAQH
LAGVIRPALARGAVVLCDRFTDATYAYQGGGRGLPEARIAALESFVQGDLRPDLTLVFDLPVEIGLARAAARGRLDRFEQ
EDRRFFEAVRQTYLQRAAQAPERYQVLDAGLPLAEVQAGLDRLLPNLLERLNG
;
_entity_poly.pdbx_strand_id   A
#
loop_
_chem_comp.id
_chem_comp.type
_chem_comp.name
_chem_comp.formula
THM DNA OH 5 prime terminus THYMIDINE 'C10 H14 N2 O5'
#
# COMPACT_ATOMS: atom_id res chain seq x y z
N ASN A 2 -24.17 -7.02 11.39
CA ASN A 2 -23.70 -8.39 11.20
C ASN A 2 -22.31 -8.67 11.79
N ALA A 3 -21.43 -9.26 10.97
CA ALA A 3 -20.13 -9.74 11.44
C ALA A 3 -19.10 -8.66 11.75
N MET A 4 -18.12 -9.02 12.59
CA MET A 4 -17.13 -8.10 13.16
C MET A 4 -16.46 -7.20 12.13
N THR A 5 -16.20 -5.97 12.53
CA THR A 5 -15.66 -4.96 11.63
C THR A 5 -14.51 -4.17 12.25
N GLY A 6 -13.40 -4.12 11.52
CA GLY A 6 -12.30 -3.26 11.88
C GLY A 6 -12.21 -2.17 10.82
N LEU A 7 -11.00 -1.69 10.56
CA LEU A 7 -10.79 -0.67 9.55
C LEU A 7 -9.52 -0.97 8.77
N PHE A 8 -9.64 -1.07 7.45
CA PHE A 8 -8.51 -1.45 6.59
C PHE A 8 -7.97 -0.19 5.90
N VAL A 9 -6.83 0.29 6.38
CA VAL A 9 -6.19 1.47 5.79
C VAL A 9 -4.89 1.04 5.10
N THR A 10 -4.67 1.50 3.88
CA THR A 10 -3.42 1.25 3.19
C THR A 10 -2.73 2.57 2.94
N LEU A 11 -1.41 2.54 2.97
CA LEU A 11 -0.62 3.72 2.67
CA LEU A 11 -0.61 3.72 2.67
C LEU A 11 0.21 3.46 1.43
N GLU A 12 0.21 4.42 0.51
CA GLU A 12 0.90 4.26 -0.76
C GLU A 12 1.79 5.45 -1.02
N GLY A 13 2.92 5.21 -1.67
CA GLY A 13 3.83 6.27 -2.04
C GLY A 13 5.27 5.85 -1.82
N PRO A 14 6.22 6.72 -2.20
CA PRO A 14 7.63 6.35 -2.12
C PRO A 14 8.14 6.47 -0.69
N GLU A 15 9.25 5.80 -0.39
CA GLU A 15 9.89 6.02 0.89
C GLU A 15 10.60 7.35 0.82
N GLY A 16 10.84 7.96 1.96
CA GLY A 16 11.45 9.28 2.00
C GLY A 16 10.40 10.38 1.93
N ALA A 17 9.13 9.98 1.97
CA ALA A 17 8.03 10.93 1.89
C ALA A 17 7.26 11.01 3.21
N GLY A 18 7.85 10.45 4.27
CA GLY A 18 7.25 10.50 5.60
C GLY A 18 6.09 9.55 5.82
N LYS A 19 5.96 8.56 4.94
CA LYS A 19 4.89 7.57 5.04
C LYS A 19 5.03 6.79 6.36
N SER A 20 6.25 6.39 6.69
CA SER A 20 6.49 5.57 7.86
C SER A 20 6.32 6.32 9.20
N THR A 21 6.83 7.55 9.26
CA THR A 21 6.68 8.35 10.47
C THR A 21 5.21 8.74 10.64
N ASN A 22 4.52 8.99 9.54
CA ASN A 22 3.09 9.30 9.59
C ASN A 22 2.25 8.10 10.00
N ARG A 23 2.68 6.91 9.58
CA ARG A 23 1.97 5.72 10.02
C ARG A 23 2.15 5.52 11.52
N ASP A 24 3.37 5.75 12.01
CA ASP A 24 3.64 5.64 13.45
C ASP A 24 2.79 6.65 14.21
N TYR A 25 2.72 7.86 13.67
CA TYR A 25 1.91 8.90 14.24
C TYR A 25 0.46 8.44 14.37
N LEU A 26 -0.09 7.96 13.26
CA LEU A 26 -1.47 7.50 13.25
C LEU A 26 -1.67 6.37 14.26
N ALA A 27 -0.74 5.42 14.27
CA ALA A 27 -0.82 4.29 15.17
C ALA A 27 -0.90 4.71 16.63
N GLU A 28 0.00 5.61 17.05
CA GLU A 28 0.01 6.07 18.44
C GLU A 28 -1.26 6.83 18.82
N ARG A 29 -1.78 7.66 17.91
CA ARG A 29 -3.04 8.37 18.17
C ARG A 29 -4.20 7.39 18.34
N LEU A 30 -4.19 6.30 17.58
CA LEU A 30 -5.24 5.29 17.69
C LEU A 30 -5.09 4.47 18.97
N ARG A 31 -3.88 3.99 19.23
CA ARG A 31 -3.61 3.19 20.42
C ARG A 31 -3.89 3.92 21.74
N GLU A 32 -3.72 5.23 21.74
CA GLU A 32 -4.01 6.03 22.93
CA GLU A 32 -4.00 6.02 22.94
C GLU A 32 -5.50 6.02 23.23
N ARG A 33 -6.31 5.83 22.18
CA ARG A 33 -7.76 5.74 22.32
C ARG A 33 -8.22 4.30 22.61
N GLY A 34 -7.27 3.41 22.90
CA GLY A 34 -7.59 2.03 23.24
C GLY A 34 -7.89 1.11 22.07
N ILE A 35 -7.61 1.56 20.85
CA ILE A 35 -7.91 0.77 19.66
C ILE A 35 -6.72 -0.13 19.32
N GLU A 36 -6.99 -1.38 18.94
CA GLU A 36 -5.93 -2.26 18.52
C GLU A 36 -5.49 -1.88 17.12
N VAL A 37 -4.18 -1.69 16.94
CA VAL A 37 -3.64 -1.35 15.62
C VAL A 37 -2.62 -2.39 15.19
N GLN A 38 -2.79 -2.84 13.97
CA GLN A 38 -1.90 -3.83 13.37
C GLN A 38 -1.10 -3.18 12.24
N LEU A 39 0.21 -3.05 12.41
CA LEU A 39 1.08 -2.49 11.38
C LEU A 39 1.62 -3.61 10.51
N THR A 40 1.57 -3.42 9.19
CA THR A 40 2.05 -4.45 8.29
C THR A 40 2.46 -3.86 6.93
N ARG A 41 3.01 -4.70 6.05
CA ARG A 41 3.51 -4.20 4.77
C ARG A 41 3.46 -5.26 3.69
N GLU A 42 3.43 -4.81 2.44
CA GLU A 42 3.45 -5.73 1.29
C GLU A 42 4.51 -5.32 0.30
N PRO A 43 5.04 -6.30 -0.45
CA PRO A 43 4.74 -7.71 -0.22
C PRO A 43 5.44 -8.17 1.07
N GLY A 44 4.84 -9.09 1.80
CA GLY A 44 5.41 -9.49 3.09
C GLY A 44 4.33 -9.64 4.15
N GLY A 45 4.71 -9.52 5.42
CA GLY A 45 3.73 -9.56 6.49
C GLY A 45 3.60 -10.88 7.24
N THR A 46 4.07 -11.96 6.62
CA THR A 46 4.07 -13.29 7.24
C THR A 46 5.38 -13.96 6.83
N PRO A 47 5.82 -14.99 7.56
CA PRO A 47 7.09 -15.64 7.19
C PRO A 47 7.18 -16.03 5.70
N LEU A 48 6.18 -16.76 5.20
CA LEU A 48 6.18 -17.13 3.79
C LEU A 48 6.10 -15.91 2.86
N ALA A 49 5.26 -14.94 3.22
CA ALA A 49 5.11 -13.79 2.35
C ALA A 49 6.43 -13.02 2.27
N GLU A 50 7.17 -12.98 3.38
CA GLU A 50 8.49 -12.33 3.36
C GLU A 50 9.50 -13.07 2.47
N ARG A 51 9.38 -14.38 2.37
CA ARG A 51 10.24 -15.15 1.49
C ARG A 51 9.88 -14.85 0.03
N ILE A 52 8.59 -14.68 -0.24
CA ILE A 52 8.16 -14.28 -1.58
C ILE A 52 8.66 -12.88 -1.88
N ARG A 53 8.57 -11.99 -0.89
CA ARG A 53 9.13 -10.65 -1.03
C ARG A 53 10.59 -10.72 -1.50
N GLU A 54 11.37 -11.52 -0.82
CA GLU A 54 12.78 -11.69 -1.15
C GLU A 54 13.01 -12.04 -2.62
N LEU A 55 12.25 -13.00 -3.14
CA LEU A 55 12.33 -13.39 -4.56
C LEU A 55 11.93 -12.23 -5.48
N LEU A 56 10.95 -11.46 -5.06
CA LEU A 56 10.50 -10.30 -5.84
C LEU A 56 11.53 -9.17 -5.92
N LEU A 57 12.28 -8.96 -4.84
CA LEU A 57 13.18 -7.82 -4.76
C LEU A 57 14.62 -8.13 -5.16
N ALA A 58 15.03 -9.39 -5.07
CA ALA A 58 16.43 -9.74 -5.29
C ALA A 58 16.82 -9.57 -6.75
N PRO A 59 17.87 -8.79 -7.02
CA PRO A 59 18.38 -8.68 -8.37
C PRO A 59 18.86 -10.03 -8.89
N SER A 60 18.59 -10.28 -10.15
CA SER A 60 19.03 -11.51 -10.79
C SER A 60 19.34 -11.20 -12.25
N ASP A 61 20.30 -11.93 -12.83
CA ASP A 61 20.59 -11.82 -14.26
C ASP A 61 19.50 -12.45 -15.13
N GLU A 62 18.65 -13.28 -14.53
CA GLU A 62 17.47 -13.81 -15.23
C GLU A 62 16.32 -12.80 -15.15
N PRO A 63 15.80 -12.37 -16.30
CA PRO A 63 14.67 -11.44 -16.26
C PRO A 63 13.39 -12.12 -15.73
N MET A 64 12.68 -11.45 -14.83
CA MET A 64 11.44 -11.99 -14.31
C MET A 64 10.29 -11.56 -15.23
N ALA A 65 9.56 -12.52 -15.78
CA ALA A 65 8.42 -12.21 -16.63
C ALA A 65 7.43 -11.31 -15.88
N ALA A 66 6.80 -10.39 -16.60
CA ALA A 66 5.76 -9.55 -16.00
C ALA A 66 4.68 -10.38 -15.29
N ASP A 67 4.27 -11.49 -15.90
CA ASP A 67 3.23 -12.32 -15.30
C ASP A 67 3.72 -12.98 -14.00
N THR A 68 4.98 -13.41 -14.00
CA THR A 68 5.56 -13.98 -12.80
C THR A 68 5.55 -12.95 -11.67
N GLU A 69 5.93 -11.73 -11.99
CA GLU A 69 6.04 -10.68 -10.99
C GLU A 69 4.66 -10.39 -10.40
N LEU A 70 3.66 -10.33 -11.26
CA LEU A 70 2.28 -10.07 -10.87
C LEU A 70 1.70 -11.21 -10.02
N LEU A 71 1.96 -12.45 -10.45
CA LEU A 71 1.44 -13.61 -9.71
C LEU A 71 2.11 -13.76 -8.34
N LEU A 72 3.42 -13.54 -8.28
CA LEU A 72 4.12 -13.52 -6.99
C LEU A 72 3.60 -12.44 -6.05
N MET A 73 3.36 -11.24 -6.58
CA MET A 73 2.79 -10.19 -5.75
C MET A 73 1.47 -10.64 -5.14
N PHE A 74 0.61 -11.22 -5.96
CA PHE A 74 -0.71 -11.64 -5.49
C PHE A 74 -0.67 -12.90 -4.60
N ALA A 75 0.34 -13.75 -4.81
CA ALA A 75 0.55 -14.90 -3.94
C ALA A 75 0.90 -14.43 -2.53
N ALA A 76 1.82 -13.47 -2.42
CA ALA A 76 2.17 -12.93 -1.10
C ALA A 76 0.95 -12.29 -0.48
N ARG A 77 0.15 -11.62 -1.31
CA ARG A 77 -1.04 -10.94 -0.83
C ARG A 77 -2.10 -11.90 -0.29
N ALA A 78 -2.29 -13.03 -0.99
CA ALA A 78 -3.25 -14.04 -0.55
C ALA A 78 -2.86 -14.60 0.82
N GLN A 79 -1.58 -14.89 1.00
CA GLN A 79 -1.06 -15.41 2.26
C GLN A 79 -1.24 -14.38 3.38
N HIS A 80 -1.00 -13.12 3.05
CA HIS A 80 -0.99 -12.02 4.01
C HIS A 80 -2.42 -11.69 4.45
N LEU A 81 -3.34 -11.74 3.49
CA LEU A 81 -4.77 -11.53 3.78
C LEU A 81 -5.33 -12.59 4.75
N ALA A 82 -5.04 -13.85 4.46
CA ALA A 82 -5.55 -14.94 5.28
C ALA A 82 -4.88 -14.98 6.67
N GLY A 83 -3.61 -14.61 6.72
CA GLY A 83 -2.83 -14.76 7.94
C GLY A 83 -2.83 -13.57 8.89
N VAL A 84 -2.98 -12.38 8.33
CA VAL A 84 -2.80 -11.17 9.12
C VAL A 84 -3.96 -10.18 8.99
N ILE A 85 -4.28 -9.79 7.77
CA ILE A 85 -5.21 -8.69 7.54
C ILE A 85 -6.65 -9.05 7.93
N ARG A 86 -7.22 -10.09 7.33
CA ARG A 86 -8.59 -10.47 7.64
CA ARG A 86 -8.60 -10.41 7.65
C ARG A 86 -8.75 -10.80 9.13
N PRO A 87 -7.77 -11.55 9.70
CA PRO A 87 -7.93 -11.83 11.13
C PRO A 87 -7.94 -10.56 11.99
N ALA A 88 -7.07 -9.60 11.69
CA ALA A 88 -7.08 -8.34 12.42
C ALA A 88 -8.41 -7.62 12.28
N LEU A 89 -8.91 -7.52 11.05
CA LEU A 89 -10.20 -6.84 10.82
C LEU A 89 -11.30 -7.51 11.63
N ALA A 90 -11.23 -8.83 11.75
CA ALA A 90 -12.25 -9.60 12.46
C ALA A 90 -12.15 -9.39 13.97
N ARG A 91 -11.02 -8.87 14.43
CA ARG A 91 -10.87 -8.53 15.84
C ARG A 91 -11.32 -7.11 16.10
N GLY A 92 -11.69 -6.41 15.03
CA GLY A 92 -12.13 -5.03 15.12
C GLY A 92 -10.95 -4.09 15.16
N ALA A 93 -9.77 -4.58 14.77
CA ALA A 93 -8.56 -3.78 14.76
C ALA A 93 -8.48 -2.83 13.56
N VAL A 94 -7.67 -1.79 13.69
CA VAL A 94 -7.30 -0.98 12.54
C VAL A 94 -6.04 -1.57 11.93
N VAL A 95 -6.09 -1.88 10.64
CA VAL A 95 -4.90 -2.34 9.94
C VAL A 95 -4.27 -1.14 9.20
N LEU A 96 -3.00 -0.89 9.42
CA LEU A 96 -2.28 0.16 8.71
C LEU A 96 -1.24 -0.54 7.84
N CYS A 97 -1.58 -0.77 6.58
CA CYS A 97 -0.75 -1.58 5.70
C CYS A 97 0.07 -0.72 4.73
N ASP A 98 1.39 -0.86 4.77
CA ASP A 98 2.27 -0.12 3.85
C ASP A 98 2.31 -0.82 2.49
N ARG A 99 1.54 -0.27 1.56
CA ARG A 99 1.38 -0.80 0.20
C ARG A 99 0.39 -1.96 0.08
N PHE A 100 -0.41 -1.93 -0.98
CA PHE A 100 -1.40 -2.96 -1.21
C PHE A 100 -1.67 -2.97 -2.71
N THR A 101 -2.88 -3.30 -3.12
CA THR A 101 -3.14 -3.53 -4.53
C THR A 101 -3.00 -2.29 -5.43
N ASP A 102 -3.17 -1.10 -4.88
CA ASP A 102 -2.88 0.09 -5.65
C ASP A 102 -1.44 0.08 -6.12
N ALA A 103 -0.52 -0.42 -5.28
CA ALA A 103 0.87 -0.53 -5.72
C ALA A 103 1.03 -1.46 -6.93
N THR A 104 0.17 -2.48 -7.01
CA THR A 104 0.23 -3.41 -8.13
C THR A 104 -0.21 -2.70 -9.41
N TYR A 105 -1.34 -1.99 -9.34
CA TYR A 105 -1.78 -1.17 -10.46
C TYR A 105 -0.68 -0.17 -10.89
N ALA A 106 -0.05 0.49 -9.92
CA ALA A 106 0.97 1.52 -10.20
C ALA A 106 2.29 0.97 -10.74
N TYR A 107 2.84 -0.03 -10.07
CA TYR A 107 4.13 -0.62 -10.47
C TYR A 107 3.99 -1.62 -11.62
N GLN A 108 3.17 -2.65 -11.43
CA GLN A 108 3.01 -3.65 -12.47
C GLN A 108 2.21 -3.11 -13.67
N GLY A 109 1.22 -2.25 -13.40
CA GLY A 109 0.42 -1.66 -14.46
C GLY A 109 1.13 -0.47 -15.08
N GLY A 110 1.25 0.63 -14.34
CA GLY A 110 1.89 1.82 -14.88
C GLY A 110 3.36 1.62 -15.23
N GLY A 111 4.12 1.00 -14.34
CA GLY A 111 5.55 0.82 -14.54
C GLY A 111 5.89 -0.28 -15.54
N ARG A 112 5.32 -1.47 -15.36
CA ARG A 112 5.65 -2.61 -16.22
C ARG A 112 4.80 -2.64 -17.48
N GLY A 113 3.67 -1.94 -17.47
CA GLY A 113 2.80 -1.86 -18.63
C GLY A 113 1.78 -2.98 -18.75
N LEU A 114 1.58 -3.77 -17.69
CA LEU A 114 0.51 -4.79 -17.71
C LEU A 114 -0.85 -4.11 -17.79
N PRO A 115 -1.77 -4.67 -18.59
CA PRO A 115 -3.11 -4.08 -18.71
C PRO A 115 -3.87 -4.04 -17.38
N GLU A 116 -4.58 -2.95 -17.15
CA GLU A 116 -5.35 -2.78 -15.91
CA GLU A 116 -5.34 -2.78 -15.90
C GLU A 116 -6.33 -3.93 -15.68
N ALA A 117 -6.92 -4.41 -16.78
CA ALA A 117 -7.91 -5.49 -16.74
C ALA A 117 -7.36 -6.77 -16.14
N ARG A 118 -6.12 -7.11 -16.45
CA ARG A 118 -5.51 -8.33 -15.93
CA ARG A 118 -5.52 -8.33 -15.94
C ARG A 118 -5.20 -8.23 -14.45
N ILE A 119 -4.75 -7.06 -14.02
CA ILE A 119 -4.52 -6.82 -12.60
C ILE A 119 -5.86 -6.87 -11.85
N ALA A 120 -6.89 -6.25 -12.43
CA ALA A 120 -8.25 -6.30 -11.85
C ALA A 120 -8.80 -7.73 -11.71
N ALA A 121 -8.47 -8.59 -12.68
CA ALA A 121 -8.91 -9.98 -12.64
C ALA A 121 -8.32 -10.70 -11.42
N LEU A 122 -7.03 -10.50 -11.21
CA LEU A 122 -6.34 -11.10 -10.07
C LEU A 122 -6.77 -10.47 -8.75
N GLU A 123 -7.03 -9.17 -8.76
CA GLU A 123 -7.54 -8.50 -7.56
C GLU A 123 -8.84 -9.15 -7.10
N SER A 124 -9.79 -9.36 -8.01
CA SER A 124 -11.04 -10.03 -7.66
C SER A 124 -10.83 -11.49 -7.25
N PHE A 125 -9.96 -12.17 -7.97
CA PHE A 125 -9.62 -13.56 -7.73
C PHE A 125 -9.14 -13.76 -6.29
N VAL A 126 -8.18 -12.95 -5.89
CA VAL A 126 -7.55 -13.08 -4.57
C VAL A 126 -8.38 -12.46 -3.44
N GLN A 127 -9.01 -11.32 -3.72
CA GLN A 127 -9.61 -10.51 -2.67
C GLN A 127 -11.14 -10.61 -2.56
N GLY A 128 -11.80 -11.18 -3.57
CA GLY A 128 -13.24 -11.12 -3.63
C GLY A 128 -13.64 -9.64 -3.71
N ASP A 129 -14.60 -9.22 -2.91
CA ASP A 129 -15.06 -7.84 -2.89
CA ASP A 129 -15.04 -7.83 -2.91
C ASP A 129 -14.31 -6.94 -1.90
N LEU A 130 -13.36 -7.50 -1.16
CA LEU A 130 -12.59 -6.71 -0.20
C LEU A 130 -11.65 -5.68 -0.83
N ARG A 131 -11.77 -4.42 -0.39
CA ARG A 131 -10.88 -3.34 -0.79
C ARG A 131 -10.55 -2.59 0.48
N PRO A 132 -9.48 -1.77 0.47
CA PRO A 132 -9.22 -0.93 1.64
C PRO A 132 -10.40 0.01 1.92
N ASP A 133 -10.63 0.32 3.20
CA ASP A 133 -11.64 1.32 3.55
C ASP A 133 -11.18 2.75 3.24
N LEU A 134 -9.88 2.97 3.37
CA LEU A 134 -9.27 4.26 3.08
C LEU A 134 -7.86 4.02 2.61
N THR A 135 -7.47 4.72 1.56
CA THR A 135 -6.09 4.64 1.07
C THR A 135 -5.47 6.03 1.09
N LEU A 136 -4.35 6.15 1.81
CA LEU A 136 -3.65 7.41 1.92
C LEU A 136 -2.51 7.40 0.90
N VAL A 137 -2.62 8.25 -0.12
CA VAL A 137 -1.58 8.37 -1.12
C VAL A 137 -0.67 9.55 -0.78
N PHE A 138 0.60 9.25 -0.58
CA PHE A 138 1.59 10.28 -0.31
C PHE A 138 2.24 10.74 -1.61
N ASP A 139 1.81 11.90 -2.09
CA ASP A 139 2.23 12.38 -3.39
C ASP A 139 3.25 13.52 -3.31
N LEU A 140 4.31 13.38 -4.09
CA LEU A 140 5.24 14.47 -4.31
C LEU A 140 6.03 14.18 -5.58
N PRO A 141 6.58 15.22 -6.21
CA PRO A 141 7.40 15.01 -7.41
C PRO A 141 8.44 13.91 -7.23
N VAL A 142 8.68 13.14 -8.29
CA VAL A 142 9.63 12.03 -8.23
C VAL A 142 11.08 12.48 -7.98
N GLU A 143 11.71 11.82 -7.02
CA GLU A 143 13.10 12.07 -6.67
C GLU A 143 13.91 10.81 -6.92
N ILE A 144 14.92 10.91 -7.76
CA ILE A 144 15.73 9.75 -8.10
C ILE A 144 17.13 9.82 -7.52
N GLY A 145 17.59 8.72 -6.94
CA GLY A 145 18.96 8.60 -6.45
C GLY A 145 19.22 9.07 -5.03
N LEU A 146 18.16 9.41 -4.31
CA LEU A 146 18.29 9.99 -2.97
C LEU A 146 18.51 8.96 -1.85
N ALA A 147 19.62 9.12 -1.14
CA ALA A 147 19.97 8.26 0.00
C ALA A 147 20.07 6.79 -0.40
N ARG A 148 20.87 6.50 -1.42
CA ARG A 148 20.96 5.14 -1.95
C ARG A 148 22.25 4.43 -1.57
N GLY A 153 23.26 -1.84 0.81
CA GLY A 153 24.12 -2.82 0.18
C GLY A 153 24.14 -2.69 -1.33
N ARG A 154 22.96 -2.84 -1.94
CA ARG A 154 22.82 -2.72 -3.39
C ARG A 154 21.35 -2.54 -3.79
N LEU A 155 21.12 -1.83 -4.89
CA LEU A 155 19.77 -1.56 -5.37
C LEU A 155 19.02 -2.86 -5.64
N ASP A 156 17.80 -2.95 -5.13
CA ASP A 156 16.95 -4.11 -5.41
C ASP A 156 16.28 -3.93 -6.77
N ARG A 157 15.46 -4.91 -7.16
CA ARG A 157 14.90 -4.93 -8.50
C ARG A 157 14.18 -3.63 -8.88
N PHE A 158 13.35 -3.11 -7.98
CA PHE A 158 12.56 -1.94 -8.33
C PHE A 158 13.34 -0.64 -8.22
N GLU A 159 14.25 -0.56 -7.25
CA GLU A 159 15.12 0.60 -7.09
C GLU A 159 15.97 0.82 -8.33
N GLN A 160 16.25 -0.25 -9.08
CA GLN A 160 17.09 -0.16 -10.27
C GLN A 160 16.39 0.54 -11.44
N GLU A 161 15.07 0.70 -11.36
CA GLU A 161 14.28 1.28 -12.44
C GLU A 161 14.61 2.75 -12.71
N ASP A 162 14.20 3.23 -13.87
CA ASP A 162 14.53 4.59 -14.27
C ASP A 162 13.47 5.60 -13.85
N ARG A 163 13.72 6.86 -14.16
CA ARG A 163 12.82 7.92 -13.74
C ARG A 163 11.45 7.80 -14.41
N ARG A 164 11.44 7.35 -15.66
CA ARG A 164 10.20 7.15 -16.40
C ARG A 164 9.30 6.16 -15.66
N PHE A 165 9.91 5.09 -15.16
CA PHE A 165 9.19 4.06 -14.43
C PHE A 165 8.49 4.67 -13.22
N PHE A 166 9.23 5.46 -12.48
CA PHE A 166 8.69 5.99 -11.25
C PHE A 166 7.68 7.12 -11.45
N GLU A 167 7.78 7.84 -12.57
CA GLU A 167 6.78 8.86 -12.87
CA GLU A 167 6.79 8.87 -12.89
C GLU A 167 5.45 8.21 -13.23
N ALA A 168 5.50 7.08 -13.94
CA ALA A 168 4.29 6.31 -14.27
C ALA A 168 3.65 5.77 -13.00
N VAL A 169 4.48 5.33 -12.06
CA VAL A 169 3.98 4.88 -10.75
C VAL A 169 3.24 6.02 -10.05
N ARG A 170 3.91 7.17 -9.95
CA ARG A 170 3.28 8.35 -9.34
C ARG A 170 1.93 8.69 -9.92
N GLN A 171 1.86 8.76 -11.26
CA GLN A 171 0.66 9.22 -11.93
C GLN A 171 -0.46 8.18 -11.82
N THR A 172 -0.08 6.91 -11.79
CA THR A 172 -1.09 5.84 -11.63
C THR A 172 -1.82 5.96 -10.29
N TYR A 173 -1.08 6.25 -9.22
CA TYR A 173 -1.73 6.48 -7.93
C TYR A 173 -2.73 7.64 -8.01
N LEU A 174 -2.38 8.70 -8.72
CA LEU A 174 -3.24 9.87 -8.77
C LEU A 174 -4.46 9.56 -9.61
N GLN A 175 -4.24 8.84 -10.71
CA GLN A 175 -5.35 8.36 -11.53
C GLN A 175 -6.31 7.48 -10.72
N ARG A 176 -5.78 6.49 -10.00
CA ARG A 176 -6.60 5.57 -9.20
C ARG A 176 -7.46 6.33 -8.19
N ALA A 177 -6.84 7.27 -7.46
CA ALA A 177 -7.56 8.10 -6.49
C ALA A 177 -8.71 8.92 -7.13
N ALA A 178 -8.52 9.38 -8.37
CA ALA A 178 -9.56 10.09 -9.08
C ALA A 178 -10.71 9.18 -9.55
N GLN A 179 -10.42 7.90 -9.76
CA GLN A 179 -11.42 6.94 -10.26
C GLN A 179 -12.40 6.49 -9.16
N ALA A 180 -11.97 6.56 -7.90
CA ALA A 180 -12.81 6.14 -6.77
C ALA A 180 -12.51 7.02 -5.56
N PRO A 181 -12.83 8.32 -5.66
CA PRO A 181 -12.44 9.35 -4.70
C PRO A 181 -12.86 9.00 -3.27
N GLU A 182 -13.93 8.23 -3.11
CA GLU A 182 -14.50 7.96 -1.80
C GLU A 182 -13.59 7.08 -0.93
N ARG A 183 -12.65 6.40 -1.58
CA ARG A 183 -11.76 5.44 -0.93
C ARG A 183 -10.35 6.02 -0.71
N TYR A 184 -10.09 7.21 -1.25
CA TYR A 184 -8.72 7.76 -1.18
C TYR A 184 -8.66 9.13 -0.55
N GLN A 185 -7.50 9.43 0.02
CA GLN A 185 -7.13 10.80 0.32
C GLN A 185 -5.69 11.01 -0.14
N VAL A 186 -5.50 11.99 -1.02
CA VAL A 186 -4.17 12.28 -1.49
C VAL A 186 -3.51 13.30 -0.58
N LEU A 187 -2.39 12.91 0.01
CA LEU A 187 -1.65 13.81 0.88
C LEU A 187 -0.48 14.44 0.14
N ASP A 188 -0.35 15.75 0.29
CA ASP A 188 0.77 16.46 -0.30
C ASP A 188 1.98 16.23 0.57
N ALA A 189 2.76 15.21 0.22
CA ALA A 189 3.93 14.83 0.99
C ALA A 189 5.08 15.79 0.78
N GLY A 190 4.83 16.80 -0.04
CA GLY A 190 5.79 17.87 -0.27
C GLY A 190 5.54 19.09 0.62
N LEU A 191 4.52 19.01 1.46
CA LEU A 191 4.24 20.05 2.44
C LEU A 191 5.00 19.78 3.73
N PRO A 192 5.32 20.84 4.49
CA PRO A 192 5.99 20.74 5.80
C PRO A 192 5.49 19.57 6.62
N LEU A 193 6.31 19.11 7.55
CA LEU A 193 6.03 17.88 8.30
C LEU A 193 4.81 17.99 9.23
N ALA A 194 4.76 19.06 10.01
CA ALA A 194 3.63 19.25 10.92
C ALA A 194 2.33 19.53 10.15
N GLU A 195 2.45 20.23 9.03
CA GLU A 195 1.29 20.58 8.23
C GLU A 195 0.57 19.33 7.72
N VAL A 196 1.33 18.27 7.50
CA VAL A 196 0.77 17.00 7.02
C VAL A 196 0.18 16.18 8.17
N GLN A 197 0.78 16.28 9.35
CA GLN A 197 0.29 15.54 10.50
C GLN A 197 -0.95 16.22 11.08
N ALA A 198 -1.14 17.49 10.74
CA ALA A 198 -2.37 18.20 11.08
C ALA A 198 -3.48 17.74 10.17
N GLY A 199 -3.13 17.29 8.97
CA GLY A 199 -4.08 16.67 8.07
C GLY A 199 -4.53 15.35 8.66
N LEU A 200 -3.58 14.62 9.25
CA LEU A 200 -3.87 13.36 9.92
C LEU A 200 -4.80 13.55 11.11
N ASP A 201 -4.62 14.65 11.84
CA ASP A 201 -5.49 14.98 12.96
C ASP A 201 -6.94 15.17 12.50
N ARG A 202 -7.14 15.94 11.44
CA ARG A 202 -8.46 16.17 10.87
C ARG A 202 -9.05 14.89 10.31
N LEU A 203 -8.21 13.90 10.11
CA LEU A 203 -8.60 12.62 9.53
C LEU A 203 -9.08 11.67 10.62
N LEU A 204 -8.41 11.71 11.76
CA LEU A 204 -8.66 10.79 12.86
C LEU A 204 -10.16 10.62 13.16
N PRO A 205 -10.86 11.74 13.42
CA PRO A 205 -12.30 11.62 13.70
C PRO A 205 -13.03 10.85 12.61
N ASN A 206 -12.68 11.11 11.35
CA ASN A 206 -13.25 10.38 10.23
C ASN A 206 -12.93 8.88 10.29
N LEU A 207 -11.68 8.55 10.60
CA LEU A 207 -11.29 7.16 10.80
C LEU A 207 -12.10 6.52 11.92
N LEU A 208 -12.11 7.16 13.08
CA LEU A 208 -12.87 6.67 14.23
C LEU A 208 -14.33 6.38 13.89
N GLU A 209 -14.94 7.27 13.12
CA GLU A 209 -16.32 7.09 12.70
C GLU A 209 -16.48 5.85 11.82
N ARG A 210 -15.56 5.71 10.86
CA ARG A 210 -15.53 4.55 9.98
C ARG A 210 -15.44 3.26 10.77
N LEU A 211 -14.78 3.34 11.92
CA LEU A 211 -14.44 2.16 12.71
C LEU A 211 -15.58 1.69 13.61
N ASN A 212 -16.17 2.62 14.34
CA ASN A 212 -17.16 2.29 15.37
C ASN A 212 -18.60 2.27 14.86
O5' THM B . 7.35 -2.68 -1.37
C5' THM B . 8.50 -3.29 -1.85
C4' THM B . 8.67 -3.03 -3.33
O4' THM B . 7.76 -3.75 -4.11
C3' THM B . 8.56 -1.60 -3.69
O3' THM B . 9.56 -1.32 -4.60
C2' THM B . 7.24 -1.47 -4.35
C1' THM B . 7.09 -2.83 -4.94
N1 THM B . 5.72 -3.28 -5.07
C2 THM B . 5.17 -3.64 -6.34
O2 THM B . 5.80 -3.52 -7.38
N3 THM B . 3.82 -4.11 -6.40
C4 THM B . 3.05 -4.27 -5.25
O4 THM B . 1.90 -4.69 -5.33
C5 THM B . 3.64 -3.91 -3.92
C5M THM B . 2.82 -4.08 -2.68
C6 THM B . 4.93 -3.46 -3.86
#